data_7L5A
#
_entry.id   7L5A
#
_cell.length_a   164.378
_cell.length_b   164.378
_cell.length_c   40.437
_cell.angle_alpha   90.00
_cell.angle_beta   90.00
_cell.angle_gamma   90.00
#
_symmetry.space_group_name_H-M   'I 41'
#
loop_
_entity.id
_entity.type
_entity.pdbx_description
1 polymer Bacteriophytochrome
2 non-polymer 'BILIVERDINE IX ALPHA'
3 water water
#
_entity_poly.entity_id   1
_entity_poly.type   'polypeptide(L)'
_entity_poly.pdbx_seq_one_letter_code
;MHHHHHHSTATNPLDLDVCAREPIHIPGLIQPYGVLLVIDPADGRIVQASTTAADLLGVPMAALLGMPYTQVLTLPEAQP
FAVDDQPQHLMHAEVRFPQRATPPASAWVAAWHLYPQQWLVEMEPRDARLLDVTLREAMPLLRSVERDPGIAEAAVRVAK
GLRSLIGFDRVMIYRFDEEWNGDIIAEARKPELEAYLGLHYPASDIPAQARALYLRNRVRQIADVGYQPSPIQPTVHPQL
GTPVDLSDVSLRSVSPVHLEYLANMGVTATLVASIVVNDALWGLISCHHYSPHFTNHAMRDVTDAVARTLAGRIGALQAV
ARARLESVLLTVREKLITDFNDAEHMTVELLDDMAPDLMDVVDADGVAIFHGNDISRHGTTPDVAALRRIRDHIESEHHE
ALREDAVGALHVDAIGEVFPELADLAPLAAGFIFVPLMPQSRSALLWTRREQIQQIKWAGNPQLAKLEDIPNSRLSPRKS
FDLWQQTVRGRARRWSPLHLESARSLRVLIELMERKR
;
_entity_poly.pdbx_strand_id   A
#
loop_
_chem_comp.id
_chem_comp.type
_chem_comp.name
_chem_comp.formula
BLA non-polymer 'BILIVERDINE IX ALPHA' 'C33 H34 N4 O6'
#
# COMPACT_ATOMS: atom_id res chain seq x y z
N ASP A 15 -22.12 -5.47 4.90
CA ASP A 15 -21.03 -6.29 4.41
C ASP A 15 -20.90 -6.22 2.87
N LEU A 16 -19.69 -6.58 2.35
CA LEU A 16 -19.28 -6.67 0.93
C LEU A 16 -19.18 -5.30 0.21
N ASP A 17 -20.22 -4.47 0.27
CA ASP A 17 -20.25 -3.14 -0.38
C ASP A 17 -20.27 -2.07 0.69
N VAL A 18 -20.84 -2.43 1.85
CA VAL A 18 -20.99 -1.66 3.08
C VAL A 18 -19.65 -1.65 3.81
N CYS A 19 -18.89 -2.75 3.71
CA CYS A 19 -17.58 -2.94 4.35
C CYS A 19 -16.54 -1.98 3.76
N ALA A 20 -16.73 -1.55 2.49
CA ALA A 20 -15.87 -0.61 1.78
C ALA A 20 -15.77 0.75 2.53
N ARG A 21 -16.74 1.02 3.42
CA ARG A 21 -16.80 2.23 4.23
C ARG A 21 -17.02 1.86 5.73
N GLU A 22 -16.23 0.87 6.26
CA GLU A 22 -16.29 0.35 7.63
C GLU A 22 -15.48 1.25 8.60
N PRO A 23 -16.02 1.60 9.82
CA PRO A 23 -15.24 2.46 10.74
C PRO A 23 -14.22 1.63 11.55
N ILE A 24 -13.20 1.17 10.82
CA ILE A 24 -12.15 0.28 11.30
C ILE A 24 -11.23 0.96 12.36
N HIS A 25 -11.25 2.29 12.46
CA HIS A 25 -10.45 3.08 13.41
C HIS A 25 -11.14 3.17 14.76
N ILE A 26 -12.43 2.80 14.84
CA ILE A 26 -13.17 2.85 16.10
C ILE A 26 -13.93 1.52 16.35
N PRO A 27 -13.26 0.33 16.44
CA PRO A 27 -14.02 -0.91 16.66
C PRO A 27 -14.34 -1.22 18.12
N GLY A 28 -13.89 -0.37 19.03
CA GLY A 28 -14.06 -0.59 20.47
C GLY A 28 -13.64 -1.98 20.90
N LEU A 29 -12.60 -2.49 20.24
CA LEU A 29 -12.00 -3.81 20.40
C LEU A 29 -10.56 -3.72 20.10
N ILE A 30 -9.76 -4.48 20.82
CA ILE A 30 -8.33 -4.56 20.53
C ILE A 30 -7.91 -6.06 20.47
N GLN A 31 -6.71 -6.29 19.97
CA GLN A 31 -6.12 -7.62 19.91
C GLN A 31 -5.64 -7.99 21.32
N PRO A 32 -6.02 -9.18 21.83
CA PRO A 32 -5.75 -9.50 23.25
C PRO A 32 -4.29 -9.75 23.65
N TYR A 33 -3.34 -9.65 22.73
CA TYR A 33 -1.95 -9.72 23.10
C TYR A 33 -1.51 -8.43 23.87
N GLY A 34 -2.40 -7.45 23.94
CA GLY A 34 -2.11 -6.19 24.60
C GLY A 34 -3.22 -5.60 25.46
N VAL A 35 -2.94 -4.42 26.00
CA VAL A 35 -3.82 -3.71 26.90
C VAL A 35 -3.84 -2.26 26.50
N LEU A 36 -5.03 -1.67 26.54
CA LEU A 36 -5.19 -0.27 26.27
C LEU A 36 -5.99 0.32 27.42
N LEU A 37 -5.58 1.52 27.84
CA LEU A 37 -6.25 2.36 28.82
C LEU A 37 -6.44 3.73 28.19
N VAL A 38 -7.60 4.31 28.45
CA VAL A 38 -7.92 5.66 28.07
C VAL A 38 -7.86 6.45 29.38
N ILE A 39 -7.06 7.53 29.40
CA ILE A 39 -6.79 8.33 30.58
C ILE A 39 -7.21 9.78 30.36
N ASP A 40 -7.76 10.40 31.43
CA ASP A 40 -8.20 11.79 31.49
C ASP A 40 -6.95 12.64 31.81
N PRO A 41 -6.49 13.53 30.91
CA PRO A 41 -5.28 14.31 31.21
C PRO A 41 -5.34 15.13 32.51
N ALA A 42 -6.54 15.62 32.89
CA ALA A 42 -6.74 16.46 34.07
C ALA A 42 -6.46 15.71 35.39
N ASP A 43 -7.31 14.74 35.75
CA ASP A 43 -7.17 14.00 37.01
C ASP A 43 -6.21 12.79 36.88
N GLY A 44 -6.04 12.29 35.66
CA GLY A 44 -5.19 11.13 35.44
C GLY A 44 -5.89 9.81 35.67
N ARG A 45 -7.24 9.81 35.64
CA ARG A 45 -8.04 8.59 35.89
C ARG A 45 -8.33 7.80 34.59
N ILE A 46 -8.29 6.44 34.70
CA ILE A 46 -8.55 5.49 33.61
C ILE A 46 -10.05 5.46 33.35
N VAL A 47 -10.48 6.19 32.32
CA VAL A 47 -11.91 6.30 32.00
C VAL A 47 -12.44 5.02 31.29
N GLN A 48 -11.62 4.40 30.44
CA GLN A 48 -11.95 3.20 29.65
C GLN A 48 -10.74 2.30 29.60
N ALA A 49 -10.93 0.98 29.45
CA ALA A 49 -9.82 0.01 29.40
C ALA A 49 -10.25 -1.30 28.71
N SER A 50 -9.26 -2.00 28.14
CA SER A 50 -9.52 -3.28 27.50
C SER A 50 -9.76 -4.33 28.56
N THR A 51 -10.52 -5.37 28.21
CA THR A 51 -10.85 -6.51 29.06
C THR A 51 -9.55 -7.11 29.58
N THR A 52 -8.48 -6.99 28.77
CA THR A 52 -7.15 -7.46 29.07
C THR A 52 -6.48 -6.71 30.22
N ALA A 53 -6.84 -5.44 30.46
CA ALA A 53 -6.23 -4.63 31.51
C ALA A 53 -6.34 -5.24 32.91
N ALA A 54 -7.43 -5.97 33.23
CA ALA A 54 -7.65 -6.56 34.55
C ALA A 54 -6.60 -7.61 34.94
N ASP A 55 -6.38 -8.65 34.11
CA ASP A 55 -5.42 -9.70 34.46
C ASP A 55 -3.96 -9.22 34.49
N LEU A 56 -3.62 -8.19 33.71
CA LEU A 56 -2.27 -7.65 33.69
C LEU A 56 -2.00 -6.75 34.89
N LEU A 57 -2.83 -5.74 35.12
CA LEU A 57 -2.65 -4.75 36.17
C LEU A 57 -2.97 -5.35 37.55
N GLY A 58 -3.72 -6.46 37.55
CA GLY A 58 -4.05 -7.25 38.73
C GLY A 58 -5.10 -6.66 39.64
N VAL A 59 -5.94 -5.81 39.09
CA VAL A 59 -7.02 -5.14 39.80
C VAL A 59 -8.28 -5.31 38.93
N PRO A 60 -9.43 -5.80 39.51
CA PRO A 60 -10.65 -6.00 38.69
C PRO A 60 -11.04 -4.81 37.80
N MET A 61 -11.53 -5.13 36.60
CA MET A 61 -11.96 -4.16 35.60
C MET A 61 -12.80 -3.01 36.16
N ALA A 62 -13.71 -3.31 37.10
CA ALA A 62 -14.60 -2.30 37.65
C ALA A 62 -13.84 -1.35 38.53
N ALA A 63 -12.92 -1.92 39.35
CA ALA A 63 -12.08 -1.18 40.29
C ALA A 63 -11.08 -0.32 39.52
N LEU A 64 -10.58 -0.88 38.44
CA LEU A 64 -9.63 -0.28 37.50
C LEU A 64 -10.20 0.99 36.82
N LEU A 65 -11.51 1.03 36.53
CA LEU A 65 -12.14 2.18 35.89
C LEU A 65 -12.35 3.31 36.92
N GLY A 66 -11.69 4.44 36.70
CA GLY A 66 -11.70 5.61 37.56
C GLY A 66 -10.49 5.71 38.48
N MET A 67 -9.58 4.76 38.36
CA MET A 67 -8.37 4.67 39.17
C MET A 67 -7.25 5.54 38.56
N PRO A 68 -6.55 6.40 39.36
CA PRO A 68 -5.44 7.19 38.76
C PRO A 68 -4.32 6.25 38.33
N TYR A 69 -3.99 6.24 37.02
CA TYR A 69 -3.00 5.38 36.35
C TYR A 69 -1.69 5.20 37.14
N THR A 70 -1.36 6.18 38.00
CA THR A 70 -0.19 6.22 38.89
C THR A 70 -0.27 5.03 39.87
N GLN A 71 -1.47 4.80 40.46
CA GLN A 71 -1.77 3.71 41.42
C GLN A 71 -1.71 2.30 40.81
N VAL A 72 -1.76 2.17 39.46
CA VAL A 72 -1.80 0.85 38.84
C VAL A 72 -0.57 0.49 37.97
N LEU A 73 0.16 1.48 37.42
CA LEU A 73 1.35 1.17 36.61
C LEU A 73 2.48 2.16 36.85
N THR A 74 3.68 1.63 37.18
CA THR A 74 4.91 2.40 37.38
C THR A 74 5.50 2.63 35.98
N LEU A 75 5.91 3.86 35.66
CA LEU A 75 6.49 4.21 34.36
C LEU A 75 7.92 4.76 34.56
N PRO A 76 8.92 3.86 34.61
CA PRO A 76 10.30 4.28 34.85
C PRO A 76 10.87 5.28 33.87
N GLU A 77 10.89 4.94 32.56
CA GLU A 77 11.49 5.76 31.51
C GLU A 77 10.65 7.03 31.19
N ALA A 78 9.76 6.99 30.16
CA ALA A 78 8.99 8.16 29.78
C ALA A 78 7.65 8.27 30.48
N GLN A 79 7.34 9.49 30.93
CA GLN A 79 6.10 9.87 31.60
C GLN A 79 5.19 10.69 30.64
N PRO A 80 3.83 10.56 30.74
CA PRO A 80 2.96 11.30 29.81
C PRO A 80 2.85 12.77 30.20
N PHE A 81 2.39 13.63 29.28
CA PHE A 81 2.25 15.06 29.56
C PHE A 81 1.10 15.66 28.78
N ALA A 82 0.57 16.80 29.25
CA ALA A 82 -0.54 17.49 28.59
C ALA A 82 -0.06 18.09 27.27
N VAL A 83 -0.75 17.79 26.17
CA VAL A 83 -0.41 18.33 24.86
C VAL A 83 -1.44 19.46 24.50
N ASP A 84 -1.01 20.47 23.76
CA ASP A 84 -1.85 21.63 23.44
C ASP A 84 -2.59 21.48 22.12
N ASP A 85 -1.86 21.24 21.03
CA ASP A 85 -2.42 21.16 19.69
C ASP A 85 -2.21 19.76 19.13
N GLN A 86 -1.21 19.58 18.26
CA GLN A 86 -0.94 18.31 17.58
C GLN A 86 -0.49 17.22 18.60
N PRO A 87 -0.98 15.96 18.42
CA PRO A 87 -0.60 14.87 19.33
C PRO A 87 0.88 14.49 19.26
N GLN A 88 1.38 13.99 20.40
CA GLN A 88 2.73 13.48 20.57
C GLN A 88 2.60 11.98 20.85
N HIS A 89 3.41 11.16 20.16
CA HIS A 89 3.34 9.71 20.35
C HIS A 89 4.67 9.23 20.88
N LEU A 90 4.68 8.82 22.17
CA LEU A 90 5.86 8.33 22.87
C LEU A 90 6.14 6.88 22.51
N MET A 91 7.41 6.57 22.29
CA MET A 91 7.85 5.22 21.93
C MET A 91 7.66 4.22 23.10
N HIS A 92 7.53 2.91 22.78
CA HIS A 92 7.34 1.82 23.74
C HIS A 92 8.50 1.77 24.73
N ALA A 93 8.19 1.98 26.02
CA ALA A 93 9.15 2.02 27.12
C ALA A 93 8.69 1.16 28.31
N GLU A 94 9.64 0.76 29.18
CA GLU A 94 9.42 -0.07 30.38
C GLU A 94 8.18 0.37 31.19
N VAL A 95 7.37 -0.63 31.61
CA VAL A 95 6.16 -0.46 32.43
C VAL A 95 6.08 -1.62 33.44
N ARG A 96 5.86 -1.29 34.72
CA ARG A 96 5.69 -2.34 35.74
C ARG A 96 4.33 -2.14 36.45
N PHE A 97 3.81 -3.21 37.09
CA PHE A 97 2.47 -3.20 37.67
C PHE A 97 2.49 -3.36 39.20
N PRO A 98 2.43 -2.23 39.96
CA PRO A 98 2.54 -2.27 41.43
C PRO A 98 1.55 -3.13 42.24
N GLN A 99 0.35 -3.38 41.74
CA GLN A 99 -0.67 -4.13 42.47
C GLN A 99 -0.51 -5.64 42.42
N ARG A 100 -0.38 -6.22 41.22
CA ARG A 100 -0.32 -7.68 41.00
C ARG A 100 0.68 -8.43 41.93
N ALA A 101 0.18 -9.45 42.63
CA ALA A 101 0.92 -10.27 43.60
C ALA A 101 2.17 -10.88 42.97
N THR A 102 1.99 -11.80 42.01
CA THR A 102 3.05 -12.42 41.21
C THR A 102 3.24 -11.60 39.93
N PRO A 103 4.50 -11.28 39.53
CA PRO A 103 4.72 -10.51 38.29
C PRO A 103 4.28 -11.29 37.03
N PRO A 104 4.20 -10.66 35.83
CA PRO A 104 3.79 -11.45 34.66
C PRO A 104 4.92 -12.36 34.17
N ALA A 105 4.63 -13.23 33.21
CA ALA A 105 5.62 -14.11 32.63
C ALA A 105 6.73 -13.26 31.97
N SER A 106 6.34 -12.43 30.98
CA SER A 106 7.25 -11.57 30.24
C SER A 106 7.13 -10.14 30.70
N ALA A 107 8.19 -9.33 30.43
CA ALA A 107 8.27 -7.90 30.71
C ALA A 107 7.40 -7.16 29.76
N TRP A 108 6.80 -6.07 30.21
CA TRP A 108 5.91 -5.30 29.37
C TRP A 108 6.48 -3.94 29.03
N VAL A 109 6.06 -3.42 27.90
CA VAL A 109 6.53 -2.16 27.33
C VAL A 109 5.26 -1.28 27.01
N ALA A 110 5.38 0.06 27.05
CA ALA A 110 4.24 0.97 26.94
C ALA A 110 4.47 2.22 26.07
N ALA A 111 3.57 2.44 25.12
CA ALA A 111 3.59 3.58 24.23
C ALA A 111 2.38 4.46 24.52
N TRP A 112 2.63 5.77 24.67
CA TRP A 112 1.61 6.76 24.95
C TRP A 112 1.21 7.54 23.69
N HIS A 113 -0.10 7.80 23.53
CA HIS A 113 -0.72 8.55 22.45
C HIS A 113 -1.41 9.71 23.11
N LEU A 114 -0.72 10.86 23.16
CA LEU A 114 -1.15 12.09 23.84
C LEU A 114 -1.96 12.99 22.94
N TYR A 115 -3.23 13.14 23.28
CA TYR A 115 -4.16 14.01 22.59
C TYR A 115 -4.61 15.12 23.57
N PRO A 116 -5.21 16.24 23.09
CA PRO A 116 -5.62 17.29 24.05
C PRO A 116 -6.78 16.84 24.97
N GLN A 117 -7.73 16.04 24.47
CA GLN A 117 -8.84 15.59 25.32
C GLN A 117 -8.59 14.23 25.98
N GLN A 118 -7.62 13.43 25.46
CA GLN A 118 -7.34 12.07 25.95
C GLN A 118 -5.90 11.64 25.87
N TRP A 119 -5.50 10.78 26.79
CA TRP A 119 -4.20 10.12 26.77
C TRP A 119 -4.49 8.65 26.60
N LEU A 120 -3.98 8.05 25.55
CA LEU A 120 -4.20 6.64 25.24
C LEU A 120 -2.92 5.87 25.50
N VAL A 121 -2.89 4.99 26.50
CA VAL A 121 -1.66 4.22 26.73
C VAL A 121 -1.86 2.80 26.19
N GLU A 122 -0.98 2.36 25.27
CA GLU A 122 -1.09 1.00 24.75
C GLU A 122 0.14 0.21 25.20
N MET A 123 -0.06 -0.97 25.74
CA MET A 123 1.05 -1.76 26.21
C MET A 123 0.96 -3.23 25.78
N GLU A 124 2.14 -3.83 25.49
CA GLU A 124 2.27 -5.22 25.03
C GLU A 124 3.59 -5.83 25.54
N PRO A 125 3.79 -7.18 25.48
CA PRO A 125 5.05 -7.73 25.99
C PRO A 125 6.23 -7.24 25.19
N ARG A 126 7.32 -6.88 25.88
CA ARG A 126 8.57 -6.45 25.30
C ARG A 126 9.01 -7.48 24.24
N ASP A 127 8.84 -8.80 24.50
CA ASP A 127 9.17 -9.91 23.56
C ASP A 127 8.51 -11.26 23.95
N ALA A 128 8.50 -12.23 23.01
CA ALA A 128 7.93 -13.58 23.17
C ALA A 128 8.99 -14.58 23.78
N ARG A 129 9.75 -14.11 24.83
CA ARG A 129 10.90 -14.79 25.49
C ARG A 129 11.92 -15.11 24.38
N LEU A 130 12.01 -14.18 23.42
CA LEU A 130 12.76 -14.21 22.17
C LEU A 130 13.74 -13.01 22.05
N LEU A 131 14.82 -13.24 21.30
CA LEU A 131 15.89 -12.28 21.05
C LEU A 131 15.56 -11.37 19.87
N ASP A 132 15.83 -10.08 20.04
CA ASP A 132 15.54 -9.10 19.00
C ASP A 132 16.56 -9.11 17.88
N VAL A 133 16.09 -8.73 16.68
CA VAL A 133 16.96 -8.49 15.55
C VAL A 133 17.50 -7.09 15.81
N THR A 134 18.72 -6.86 15.37
CA THR A 134 19.37 -5.60 15.56
C THR A 134 19.48 -4.92 14.22
N LEU A 135 19.69 -3.60 14.26
CA LEU A 135 19.94 -2.76 13.08
C LEU A 135 21.25 -3.24 12.52
N ARG A 136 22.20 -3.56 13.43
CA ARG A 136 23.52 -4.09 13.15
C ARG A 136 23.41 -5.32 12.24
N GLU A 137 22.34 -6.13 12.43
CA GLU A 137 21.99 -7.33 11.66
C GLU A 137 21.29 -6.98 10.34
N ALA A 138 20.43 -5.95 10.39
CA ALA A 138 19.67 -5.46 9.24
C ALA A 138 20.55 -4.68 8.28
N MET A 139 21.69 -4.16 8.77
CA MET A 139 22.60 -3.29 8.04
C MET A 139 23.05 -3.82 6.70
N PRO A 140 23.57 -5.07 6.55
CA PRO A 140 23.94 -5.54 5.21
C PRO A 140 22.79 -5.47 4.21
N LEU A 141 21.53 -5.57 4.70
CA LEU A 141 20.31 -5.54 3.87
C LEU A 141 20.07 -4.12 3.41
N LEU A 142 20.03 -3.17 4.38
CA LEU A 142 19.79 -1.76 4.15
C LEU A 142 20.86 -1.19 3.16
N ARG A 143 22.17 -1.39 3.48
CA ARG A 143 23.30 -0.95 2.66
C ARG A 143 23.26 -1.52 1.24
N SER A 144 22.57 -2.65 1.04
CA SER A 144 22.44 -3.30 -0.26
C SER A 144 21.18 -2.83 -1.00
N VAL A 145 20.01 -2.73 -0.31
CA VAL A 145 18.74 -2.29 -0.91
C VAL A 145 18.76 -0.81 -1.29
N GLU A 146 19.91 -0.12 -1.11
CA GLU A 146 20.10 1.28 -1.46
C GLU A 146 21.03 1.40 -2.68
N ARG A 147 21.80 0.33 -2.98
CA ARG A 147 22.76 0.24 -4.08
C ARG A 147 22.31 -0.79 -5.13
N ASP A 148 20.97 -0.93 -5.29
CA ASP A 148 20.33 -1.86 -6.24
C ASP A 148 19.76 -1.09 -7.44
N PRO A 149 20.14 -1.43 -8.70
CA PRO A 149 19.59 -0.69 -9.85
C PRO A 149 18.18 -1.17 -10.16
N GLY A 150 17.24 -0.25 -10.31
CA GLY A 150 15.84 -0.61 -10.55
C GLY A 150 15.05 -0.99 -9.30
N ILE A 151 13.77 -0.57 -9.28
CA ILE A 151 12.79 -0.80 -8.22
C ILE A 151 12.58 -2.30 -8.02
N ALA A 152 12.41 -3.05 -9.13
CA ALA A 152 12.20 -4.50 -9.11
C ALA A 152 13.29 -5.22 -8.31
N GLU A 153 14.55 -5.17 -8.78
CA GLU A 153 15.73 -5.79 -8.18
C GLU A 153 15.83 -5.56 -6.65
N ALA A 154 15.52 -4.33 -6.18
CA ALA A 154 15.56 -3.97 -4.77
C ALA A 154 14.37 -4.54 -4.04
N ALA A 155 13.19 -4.57 -4.70
CA ALA A 155 11.95 -5.11 -4.11
C ALA A 155 12.14 -6.59 -3.77
N VAL A 156 12.76 -7.37 -4.67
CA VAL A 156 12.99 -8.79 -4.43
C VAL A 156 14.08 -8.96 -3.29
N ARG A 157 15.13 -8.09 -3.24
CA ARG A 157 16.13 -8.17 -2.16
C ARG A 157 15.49 -7.97 -0.77
N VAL A 158 14.50 -7.05 -0.69
CA VAL A 158 13.76 -6.74 0.52
C VAL A 158 12.95 -7.97 0.94
N ALA A 159 12.18 -8.58 -0.01
CA ALA A 159 11.33 -9.76 0.19
C ALA A 159 12.11 -10.91 0.81
N LYS A 160 13.28 -11.23 0.24
CA LYS A 160 14.16 -12.30 0.71
C LYS A 160 14.77 -11.91 2.07
N GLY A 161 15.50 -10.78 2.10
CA GLY A 161 16.19 -10.29 3.29
C GLY A 161 15.35 -10.24 4.55
N LEU A 162 14.09 -9.78 4.42
CA LEU A 162 13.15 -9.63 5.52
C LEU A 162 12.69 -10.97 6.02
N ARG A 163 12.40 -11.91 5.10
CA ARG A 163 11.99 -13.28 5.41
C ARG A 163 13.08 -13.97 6.24
N SER A 164 14.36 -13.74 5.88
CA SER A 164 15.52 -14.31 6.57
C SER A 164 15.80 -13.62 7.91
N LEU A 165 15.64 -12.27 7.98
CA LEU A 165 15.89 -11.40 9.14
C LEU A 165 14.82 -11.59 10.22
N ILE A 166 13.56 -11.25 9.88
CA ILE A 166 12.40 -11.47 10.71
C ILE A 166 11.77 -12.72 10.10
N GLY A 167 11.97 -13.86 10.74
CA GLY A 167 11.52 -15.16 10.25
C GLY A 167 10.05 -15.19 9.93
N PHE A 168 9.70 -15.25 8.64
CA PHE A 168 8.32 -15.27 8.17
C PHE A 168 8.17 -16.24 7.05
N ASP A 169 6.98 -16.85 6.90
CA ASP A 169 6.72 -17.85 5.87
C ASP A 169 6.68 -17.22 4.49
N ARG A 170 6.03 -16.06 4.37
CA ARG A 170 5.92 -15.35 3.10
C ARG A 170 6.09 -13.84 3.28
N VAL A 171 6.89 -13.22 2.40
CA VAL A 171 7.04 -11.76 2.38
C VAL A 171 6.74 -11.31 0.96
N MET A 172 5.73 -10.43 0.82
CA MET A 172 5.27 -9.91 -0.47
C MET A 172 5.39 -8.38 -0.57
N ILE A 173 5.87 -7.86 -1.73
CA ILE A 173 5.99 -6.42 -1.98
C ILE A 173 4.90 -6.04 -2.96
N TYR A 174 4.03 -5.08 -2.58
CA TYR A 174 2.99 -4.59 -3.49
C TYR A 174 3.29 -3.19 -3.95
N ARG A 175 2.90 -2.87 -5.19
CA ARG A 175 2.93 -1.56 -5.84
C ARG A 175 1.47 -1.18 -6.15
N PHE A 176 1.01 -0.04 -5.61
CA PHE A 176 -0.35 0.44 -5.88
C PHE A 176 -0.33 1.19 -7.19
N ASP A 177 -1.43 1.14 -7.96
CA ASP A 177 -1.54 1.89 -9.22
C ASP A 177 -2.36 3.16 -8.98
N GLU A 178 -2.51 3.97 -10.05
CA GLU A 178 -3.16 5.28 -10.09
C GLU A 178 -4.57 5.29 -9.44
N GLU A 179 -5.32 4.19 -9.59
CA GLU A 179 -6.67 4.05 -9.05
C GLU A 179 -6.69 3.17 -7.78
N TRP A 180 -5.50 2.94 -7.16
CA TRP A 180 -5.25 2.19 -5.92
C TRP A 180 -5.41 0.65 -6.07
N ASN A 181 -5.25 0.09 -7.29
CA ASN A 181 -5.27 -1.37 -7.46
C ASN A 181 -3.88 -1.88 -7.12
N GLY A 182 -3.78 -3.08 -6.55
CA GLY A 182 -2.49 -3.61 -6.15
C GLY A 182 -1.91 -4.71 -7.00
N ASP A 183 -0.59 -4.73 -7.17
CA ASP A 183 0.12 -5.73 -7.96
C ASP A 183 1.30 -6.25 -7.14
N ILE A 184 1.30 -7.58 -6.84
CA ILE A 184 2.39 -8.23 -6.12
C ILE A 184 3.57 -8.25 -7.08
N ILE A 185 4.58 -7.41 -6.84
CA ILE A 185 5.75 -7.24 -7.70
C ILE A 185 6.92 -8.11 -7.19
N ALA A 186 6.96 -8.43 -5.90
CA ALA A 186 7.99 -9.28 -5.34
C ALA A 186 7.38 -10.20 -4.30
N GLU A 187 7.95 -11.39 -4.17
CA GLU A 187 7.50 -12.40 -3.24
C GLU A 187 8.68 -13.31 -2.94
N ALA A 188 8.84 -13.67 -1.66
CA ALA A 188 9.82 -14.62 -1.13
C ALA A 188 9.12 -15.48 -0.13
N ARG A 189 9.06 -16.78 -0.41
CA ARG A 189 8.30 -17.73 0.38
C ARG A 189 8.95 -19.11 0.49
N LYS A 190 8.37 -19.96 1.38
CA LYS A 190 8.77 -21.35 1.56
C LYS A 190 8.54 -22.10 0.23
N PRO A 191 9.43 -23.02 -0.21
CA PRO A 191 9.18 -23.70 -1.48
C PRO A 191 7.95 -24.62 -1.40
N GLU A 192 7.63 -25.11 -0.18
CA GLU A 192 6.45 -25.95 0.07
C GLU A 192 5.17 -25.10 -0.02
N LEU A 193 5.29 -23.76 0.03
CA LEU A 193 4.17 -22.84 -0.13
C LEU A 193 3.90 -22.62 -1.63
N GLU A 194 2.81 -21.89 -1.97
CA GLU A 194 2.50 -21.62 -3.37
C GLU A 194 3.21 -20.32 -3.80
N ALA A 195 2.68 -19.63 -4.83
CA ALA A 195 3.23 -18.37 -5.33
C ALA A 195 2.11 -17.45 -5.77
N TYR A 196 2.13 -16.20 -5.29
CA TYR A 196 1.17 -15.16 -5.64
C TYR A 196 1.86 -14.08 -6.45
N LEU A 197 3.15 -14.30 -6.83
CA LEU A 197 3.89 -13.34 -7.65
C LEU A 197 3.15 -13.11 -8.94
N GLY A 198 2.93 -11.85 -9.27
CA GLY A 198 2.26 -11.45 -10.50
C GLY A 198 0.78 -11.20 -10.36
N LEU A 199 0.19 -11.57 -9.20
CA LEU A 199 -1.23 -11.38 -8.94
C LEU A 199 -1.56 -9.89 -8.78
N HIS A 200 -2.70 -9.49 -9.34
CA HIS A 200 -3.25 -8.14 -9.27
C HIS A 200 -4.63 -8.19 -8.60
N TYR A 201 -4.85 -7.43 -7.52
CA TYR A 201 -6.12 -7.35 -6.80
C TYR A 201 -6.76 -5.94 -6.97
N PRO A 202 -8.09 -5.77 -6.82
CA PRO A 202 -8.67 -4.43 -7.01
C PRO A 202 -8.46 -3.55 -5.80
N ALA A 203 -8.76 -2.25 -5.93
CA ALA A 203 -8.63 -1.30 -4.83
C ALA A 203 -9.50 -1.68 -3.65
N SER A 204 -10.81 -1.99 -3.90
CA SER A 204 -11.84 -2.38 -2.93
C SER A 204 -11.33 -3.41 -1.92
N ASP A 205 -10.32 -4.24 -2.30
CA ASP A 205 -9.71 -5.24 -1.40
C ASP A 205 -9.10 -4.57 -0.20
N ILE A 206 -8.44 -3.39 -0.37
CA ILE A 206 -7.91 -2.57 0.75
C ILE A 206 -8.69 -1.21 0.79
N PRO A 207 -9.79 -1.09 1.58
CA PRO A 207 -10.53 0.19 1.64
C PRO A 207 -9.69 1.44 1.93
N ALA A 208 -10.22 2.61 1.56
CA ALA A 208 -9.59 3.91 1.73
C ALA A 208 -9.05 4.13 3.15
N GLN A 209 -9.84 3.73 4.21
CA GLN A 209 -9.39 3.89 5.59
C GLN A 209 -8.28 2.90 5.91
N ALA A 210 -8.35 1.67 5.38
CA ALA A 210 -7.33 0.66 5.62
C ALA A 210 -5.95 1.15 5.12
N ARG A 211 -5.92 1.80 3.95
CA ARG A 211 -4.70 2.37 3.38
C ARG A 211 -4.26 3.56 4.24
N ALA A 212 -5.20 4.45 4.59
CA ALA A 212 -4.95 5.61 5.42
C ALA A 212 -4.20 5.20 6.67
N LEU A 213 -4.80 4.26 7.48
CA LEU A 213 -4.23 3.75 8.72
C LEU A 213 -2.89 3.02 8.46
N TYR A 214 -2.66 2.47 7.21
CA TYR A 214 -1.34 1.86 6.95
C TYR A 214 -0.30 2.94 6.81
N LEU A 215 -0.66 4.10 6.24
CA LEU A 215 0.26 5.22 6.09
C LEU A 215 0.52 5.85 7.44
N ARG A 216 -0.56 6.03 8.26
CA ARG A 216 -0.53 6.67 9.57
C ARG A 216 0.34 5.82 10.52
N ASN A 217 -0.09 4.61 10.96
CA ASN A 217 0.78 3.68 11.74
C ASN A 217 1.79 3.28 10.75
N ARG A 218 3.06 3.19 11.05
CA ARG A 218 3.96 2.91 9.89
C ARG A 218 3.98 1.40 9.54
N VAL A 219 3.74 0.58 10.57
CA VAL A 219 3.73 -0.87 10.56
C VAL A 219 2.47 -1.33 11.29
N ARG A 220 1.69 -2.21 10.64
CA ARG A 220 0.47 -2.81 11.20
C ARG A 220 0.74 -4.28 11.43
N GLN A 221 0.22 -4.82 12.54
CA GLN A 221 0.38 -6.24 12.83
C GLN A 221 -0.94 -6.89 13.25
N ILE A 222 -1.10 -8.15 12.89
CA ILE A 222 -2.17 -9.06 13.29
C ILE A 222 -1.40 -10.24 13.88
N ALA A 223 -1.39 -10.35 15.22
CA ALA A 223 -0.55 -11.33 15.89
C ALA A 223 -1.10 -12.73 15.74
N ASP A 224 -2.44 -12.88 15.77
CA ASP A 224 -3.12 -14.15 15.60
C ASP A 224 -4.49 -13.93 15.00
N VAL A 225 -4.67 -14.37 13.75
CA VAL A 225 -5.96 -14.32 13.06
C VAL A 225 -6.82 -15.26 13.86
N GLY A 226 -8.01 -14.86 14.22
CA GLY A 226 -8.78 -15.76 15.09
C GLY A 226 -8.47 -15.63 16.56
N TYR A 227 -8.10 -14.41 16.98
CA TYR A 227 -7.92 -14.00 18.36
C TYR A 227 -9.32 -13.76 18.86
N GLN A 228 -9.55 -13.85 20.17
CA GLN A 228 -10.88 -13.50 20.67
C GLN A 228 -10.77 -12.01 21.05
N PRO A 229 -11.42 -11.09 20.32
CA PRO A 229 -11.23 -9.67 20.63
C PRO A 229 -11.46 -9.29 22.10
N SER A 230 -10.63 -8.35 22.55
CA SER A 230 -10.76 -7.74 23.87
C SER A 230 -11.58 -6.41 23.74
N PRO A 231 -12.82 -6.33 24.29
CA PRO A 231 -13.58 -5.09 24.17
C PRO A 231 -13.06 -3.99 25.09
N ILE A 232 -13.19 -2.73 24.63
CA ILE A 232 -12.86 -1.57 25.45
C ILE A 232 -14.09 -1.32 26.27
N GLN A 233 -13.94 -1.20 27.60
CA GLN A 233 -15.03 -0.96 28.51
C GLN A 233 -14.80 0.28 29.33
N PRO A 234 -15.77 1.24 29.33
CA PRO A 234 -17.00 1.26 28.52
C PRO A 234 -16.64 1.45 27.05
N THR A 235 -17.53 1.10 26.11
CA THR A 235 -17.17 1.29 24.68
C THR A 235 -16.85 2.78 24.36
N VAL A 236 -17.67 3.71 24.92
CA VAL A 236 -17.57 5.15 24.72
C VAL A 236 -17.20 5.83 26.03
N HIS A 237 -16.53 7.01 25.92
CA HIS A 237 -16.03 7.82 27.02
C HIS A 237 -17.16 8.20 27.98
N PRO A 238 -17.06 7.93 29.30
CA PRO A 238 -18.15 8.31 30.22
C PRO A 238 -18.55 9.80 30.18
N GLN A 239 -17.56 10.72 30.12
CA GLN A 239 -17.77 12.18 30.11
C GLN A 239 -17.82 12.79 28.70
N LEU A 240 -17.28 12.13 27.68
CA LEU A 240 -17.27 12.67 26.31
C LEU A 240 -18.25 11.91 25.37
N GLY A 241 -18.62 10.69 25.74
CA GLY A 241 -19.57 9.84 25.01
C GLY A 241 -19.15 9.38 23.63
N THR A 242 -17.85 9.38 23.34
CA THR A 242 -17.34 9.00 22.03
C THR A 242 -16.57 7.66 22.02
N PRO A 243 -16.55 6.94 20.88
CA PRO A 243 -15.77 5.70 20.78
C PRO A 243 -14.27 5.99 20.88
N VAL A 244 -13.44 4.96 20.99
CA VAL A 244 -12.03 5.25 21.10
C VAL A 244 -11.46 5.25 19.70
N ASP A 245 -10.68 6.31 19.36
CA ASP A 245 -10.04 6.42 18.07
C ASP A 245 -8.68 5.70 18.10
N LEU A 246 -8.76 4.40 17.83
CA LEU A 246 -7.67 3.43 17.75
C LEU A 246 -6.83 3.66 16.47
N SER A 247 -6.99 4.84 15.85
CA SER A 247 -6.30 5.24 14.62
C SER A 247 -4.79 5.16 14.74
N ASP A 248 -4.28 5.39 15.96
CA ASP A 248 -2.84 5.38 16.24
C ASP A 248 -2.41 4.16 17.07
N VAL A 249 -3.39 3.38 17.54
CA VAL A 249 -3.23 2.22 18.41
C VAL A 249 -2.91 0.98 17.57
N SER A 250 -1.73 0.38 17.77
CA SER A 250 -1.34 -0.78 16.98
C SER A 250 -2.13 -2.02 17.37
N LEU A 251 -2.68 -2.04 18.62
CA LEU A 251 -3.48 -3.14 19.16
C LEU A 251 -4.85 -3.22 18.50
N ARG A 252 -5.26 -2.13 17.81
CA ARG A 252 -6.54 -2.00 17.11
C ARG A 252 -6.97 -3.35 16.50
N SER A 253 -8.20 -3.80 16.83
CA SER A 253 -8.69 -5.06 16.25
C SER A 253 -8.82 -4.93 14.70
N VAL A 254 -8.92 -6.07 14.02
CA VAL A 254 -9.01 -6.11 12.55
C VAL A 254 -10.48 -6.41 12.12
N SER A 255 -10.83 -5.95 10.91
CA SER A 255 -12.14 -6.15 10.32
C SER A 255 -12.47 -7.64 10.24
N PRO A 256 -13.74 -8.04 10.54
CA PRO A 256 -14.12 -9.46 10.40
C PRO A 256 -14.05 -9.91 8.94
N VAL A 257 -13.86 -8.96 8.02
CA VAL A 257 -13.83 -9.23 6.58
C VAL A 257 -12.40 -9.59 6.18
N HIS A 258 -11.37 -8.94 6.78
CA HIS A 258 -9.97 -9.28 6.49
C HIS A 258 -9.62 -10.62 7.17
N LEU A 259 -10.11 -10.83 8.41
CA LEU A 259 -9.94 -12.07 9.17
C LEU A 259 -10.60 -13.23 8.41
N GLU A 260 -11.77 -12.97 7.75
CA GLU A 260 -12.43 -13.98 6.93
C GLU A 260 -11.48 -14.37 5.82
N TYR A 261 -11.02 -13.35 5.06
CA TYR A 261 -10.07 -13.45 3.97
C TYR A 261 -8.86 -14.30 4.38
N LEU A 262 -8.00 -13.79 5.31
CA LEU A 262 -6.79 -14.49 5.77
C LEU A 262 -7.04 -15.94 6.27
N ALA A 263 -8.15 -16.18 7.01
CA ALA A 263 -8.48 -17.52 7.53
C ALA A 263 -8.63 -18.55 6.39
N ASN A 264 -9.17 -18.08 5.23
CA ASN A 264 -9.38 -18.86 4.02
C ASN A 264 -8.03 -19.31 3.44
N MET A 265 -7.01 -18.44 3.53
CA MET A 265 -5.65 -18.77 3.10
C MET A 265 -4.87 -19.57 4.18
N GLY A 266 -5.37 -19.57 5.42
CA GLY A 266 -4.71 -20.26 6.52
C GLY A 266 -3.61 -19.43 7.17
N VAL A 267 -3.45 -18.18 6.71
CA VAL A 267 -2.46 -17.24 7.26
C VAL A 267 -3.02 -16.80 8.63
N THR A 268 -2.19 -16.99 9.66
CA THR A 268 -2.52 -16.82 11.07
C THR A 268 -1.82 -15.62 11.73
N ALA A 269 -1.06 -14.83 10.97
CA ALA A 269 -0.35 -13.67 11.49
C ALA A 269 0.24 -12.89 10.36
N THR A 270 0.02 -11.56 10.33
CA THR A 270 0.54 -10.69 9.27
C THR A 270 1.35 -9.56 9.90
N LEU A 271 2.15 -8.89 9.06
CA LEU A 271 2.96 -7.73 9.36
C LEU A 271 3.03 -6.90 8.08
N VAL A 272 2.38 -5.73 8.07
CA VAL A 272 2.33 -4.89 6.90
C VAL A 272 3.02 -3.59 7.17
N ALA A 273 4.08 -3.32 6.43
CA ALA A 273 4.82 -2.07 6.53
C ALA A 273 4.52 -1.20 5.31
N SER A 274 4.61 0.12 5.48
CA SER A 274 4.34 1.08 4.42
C SER A 274 5.54 1.36 3.55
N ILE A 275 5.29 1.50 2.26
CA ILE A 275 6.30 1.95 1.34
C ILE A 275 5.86 3.38 1.07
N VAL A 276 6.32 4.33 1.90
CA VAL A 276 5.93 5.72 1.73
C VAL A 276 6.96 6.46 0.93
N VAL A 277 6.55 6.98 -0.27
CA VAL A 277 7.45 7.78 -1.13
C VAL A 277 6.76 9.10 -1.48
N ASN A 278 7.44 10.23 -1.18
CA ASN A 278 6.93 11.60 -1.39
C ASN A 278 5.61 11.74 -0.63
N ASP A 279 5.65 11.34 0.65
CA ASP A 279 4.54 11.33 1.61
C ASP A 279 3.22 10.74 0.99
N ALA A 280 3.38 9.72 0.12
CA ALA A 280 2.30 8.99 -0.52
C ALA A 280 2.48 7.49 -0.30
N LEU A 281 1.37 6.75 -0.23
CA LEU A 281 1.48 5.32 -0.04
C LEU A 281 1.72 4.64 -1.38
N TRP A 282 3.00 4.50 -1.72
CA TRP A 282 3.45 3.87 -2.94
C TRP A 282 2.91 2.45 -3.08
N GLY A 283 3.23 1.60 -2.11
CA GLY A 283 2.84 0.19 -2.05
C GLY A 283 2.92 -0.31 -0.63
N LEU A 284 3.09 -1.63 -0.44
CA LEU A 284 3.19 -2.20 0.92
C LEU A 284 4.19 -3.35 1.00
N ILE A 285 4.84 -3.45 2.17
CA ILE A 285 5.70 -4.62 2.46
C ILE A 285 4.81 -5.50 3.34
N SER A 286 4.40 -6.67 2.84
CA SER A 286 3.47 -7.48 3.60
C SER A 286 4.06 -8.84 3.92
N CYS A 287 4.10 -9.16 5.21
CA CYS A 287 4.58 -10.43 5.71
C CYS A 287 3.38 -11.29 6.13
N HIS A 288 3.41 -12.60 5.79
CA HIS A 288 2.35 -13.57 6.12
C HIS A 288 2.95 -14.85 6.75
N HIS A 289 2.47 -15.16 7.94
CA HIS A 289 2.85 -16.34 8.67
C HIS A 289 1.67 -17.25 8.77
N TYR A 290 1.90 -18.56 8.76
CA TYR A 290 0.82 -19.53 8.81
C TYR A 290 0.71 -20.08 10.23
N SER A 291 1.63 -19.64 11.10
CA SER A 291 1.66 -19.95 12.54
C SER A 291 1.56 -18.61 13.29
N PRO A 292 0.79 -18.52 14.40
CA PRO A 292 0.71 -17.23 15.11
C PRO A 292 2.09 -16.65 15.38
N HIS A 293 2.20 -15.31 15.25
CA HIS A 293 3.46 -14.60 15.38
C HIS A 293 3.26 -13.15 15.83
N PHE A 294 3.57 -12.88 17.11
CA PHE A 294 3.58 -11.53 17.67
C PHE A 294 4.91 -10.88 17.25
N THR A 295 4.83 -9.68 16.68
CA THR A 295 6.00 -8.95 16.22
C THR A 295 6.19 -7.84 17.21
N ASN A 296 7.21 -7.97 18.06
CA ASN A 296 7.43 -6.98 19.11
C ASN A 296 7.86 -5.65 18.51
N HIS A 297 8.00 -4.62 19.35
CA HIS A 297 8.33 -3.29 18.95
C HIS A 297 9.66 -3.21 18.22
N ALA A 298 10.67 -3.96 18.71
CA ALA A 298 12.00 -3.90 18.13
C ALA A 298 11.99 -4.36 16.70
N MET A 299 11.29 -5.49 16.38
CA MET A 299 11.16 -6.06 15.01
C MET A 299 10.41 -5.16 14.11
N ARG A 300 9.37 -4.50 14.67
CA ARG A 300 8.50 -3.57 13.99
C ARG A 300 9.30 -2.38 13.49
N ASP A 301 10.16 -1.83 14.37
CA ASP A 301 11.02 -0.71 14.06
C ASP A 301 12.01 -1.10 12.98
N VAL A 302 12.63 -2.29 13.12
CA VAL A 302 13.58 -2.78 12.12
C VAL A 302 12.84 -2.94 10.80
N THR A 303 11.61 -3.45 10.84
CA THR A 303 10.82 -3.58 9.62
C THR A 303 10.62 -2.19 9.03
N ASP A 304 10.25 -1.19 9.86
CA ASP A 304 10.05 0.14 9.31
C ASP A 304 11.34 0.67 8.71
N ALA A 305 12.50 0.42 9.37
CA ALA A 305 13.80 0.82 8.86
C ALA A 305 14.03 0.21 7.49
N VAL A 306 13.53 -1.02 7.27
CA VAL A 306 13.64 -1.70 5.98
C VAL A 306 12.69 -1.02 4.99
N ALA A 307 11.38 -0.92 5.34
CA ALA A 307 10.36 -0.27 4.52
C ALA A 307 10.82 1.10 4.02
N ARG A 308 11.36 1.93 4.92
CA ARG A 308 11.89 3.27 4.60
C ARG A 308 13.09 3.21 3.62
N THR A 309 14.03 2.23 3.78
CA THR A 309 15.23 2.13 2.92
C THR A 309 14.83 1.73 1.52
N LEU A 310 13.86 0.79 1.39
CA LEU A 310 13.32 0.39 0.09
C LEU A 310 12.56 1.57 -0.55
N ALA A 311 11.70 2.27 0.25
CA ALA A 311 10.93 3.40 -0.22
C ALA A 311 11.86 4.53 -0.62
N GLY A 312 12.99 4.61 0.08
CA GLY A 312 14.00 5.63 -0.14
C GLY A 312 14.70 5.49 -1.46
N ARG A 313 14.92 4.23 -1.86
CA ARG A 313 15.61 3.84 -3.08
C ARG A 313 14.70 3.89 -4.28
N ILE A 314 13.41 3.51 -4.12
CA ILE A 314 12.46 3.50 -5.24
C ILE A 314 12.19 4.97 -5.64
N GLY A 315 12.16 5.87 -4.66
CA GLY A 315 11.96 7.29 -4.84
C GLY A 315 13.14 7.91 -5.53
N ALA A 316 14.37 7.47 -5.16
CA ALA A 316 15.64 7.93 -5.75
C ALA A 316 15.67 7.56 -7.23
N LEU A 317 15.23 6.32 -7.57
CA LEU A 317 15.12 5.83 -8.94
C LEU A 317 14.03 6.59 -9.68
N GLN A 318 12.90 6.89 -8.98
CA GLN A 318 11.77 7.63 -9.56
C GLN A 318 12.20 9.06 -9.93
N ALA A 319 13.11 9.67 -9.15
CA ALA A 319 13.64 11.00 -9.43
C ALA A 319 14.51 10.97 -10.67
N VAL A 320 15.31 9.89 -10.77
CA VAL A 320 16.24 9.63 -11.86
C VAL A 320 15.43 9.48 -13.16
N ALA A 321 14.32 8.72 -13.12
CA ALA A 321 13.46 8.55 -14.29
C ALA A 321 12.83 9.89 -14.69
N ARG A 322 12.29 10.66 -13.72
CA ARG A 322 11.64 11.97 -13.91
C ARG A 322 12.60 12.98 -14.56
N ALA A 323 13.87 12.99 -14.13
CA ALA A 323 14.90 13.86 -14.69
C ALA A 323 15.15 13.49 -16.14
N ARG A 324 15.08 12.18 -16.48
CA ARG A 324 15.25 11.69 -17.85
C ARG A 324 14.07 12.15 -18.70
N LEU A 325 12.82 11.99 -18.19
CA LEU A 325 11.58 12.40 -18.86
C LEU A 325 11.59 13.89 -19.20
N GLU A 326 12.07 14.74 -18.28
CA GLU A 326 12.16 16.18 -18.52
C GLU A 326 13.21 16.45 -19.62
N SER A 327 14.35 15.69 -19.61
CA SER A 327 15.46 15.83 -20.56
C SER A 327 15.07 15.37 -21.97
N VAL A 328 14.32 14.26 -22.09
CA VAL A 328 13.86 13.77 -23.39
C VAL A 328 12.88 14.80 -23.97
N LEU A 329 12.10 15.49 -23.09
CA LEU A 329 11.19 16.54 -23.50
C LEU A 329 11.96 17.79 -23.89
N LEU A 330 13.08 18.05 -23.17
CA LEU A 330 13.99 19.18 -23.40
C LEU A 330 14.64 19.06 -24.78
N THR A 331 14.96 17.83 -25.22
CA THR A 331 15.56 17.56 -26.53
C THR A 331 14.52 17.71 -27.64
N VAL A 332 13.28 17.19 -27.44
CA VAL A 332 12.16 17.23 -28.39
C VAL A 332 11.81 18.70 -28.75
N ARG A 333 11.69 19.58 -27.75
CA ARG A 333 11.33 20.99 -27.95
C ARG A 333 12.47 21.77 -28.63
N GLU A 334 13.75 21.48 -28.29
CA GLU A 334 14.91 22.16 -28.88
C GLU A 334 15.14 21.66 -30.32
N LYS A 335 14.70 20.41 -30.63
CA LYS A 335 14.82 19.82 -31.97
C LYS A 335 13.66 20.24 -32.87
N LEU A 336 12.51 20.67 -32.29
CA LEU A 336 11.36 21.16 -33.06
C LEU A 336 11.59 22.63 -33.46
N ILE A 337 12.68 23.24 -32.96
CA ILE A 337 13.12 24.60 -33.27
C ILE A 337 13.82 24.55 -34.66
N THR A 338 14.28 23.35 -35.06
CA THR A 338 14.96 23.09 -36.35
C THR A 338 13.95 22.45 -37.33
N THR A 347 8.21 18.68 -40.72
CA THR A 347 8.28 17.85 -39.52
C THR A 347 7.88 16.40 -39.87
N VAL A 348 6.96 15.79 -39.08
CA VAL A 348 6.39 14.43 -39.20
C VAL A 348 7.49 13.37 -39.02
N GLU A 349 8.45 13.29 -39.97
CA GLU A 349 9.60 12.37 -39.93
C GLU A 349 10.62 12.89 -38.92
N LEU A 350 10.69 14.24 -38.78
CA LEU A 350 11.54 14.93 -37.80
C LEU A 350 11.12 14.52 -36.40
N LEU A 351 9.84 14.14 -36.28
CA LEU A 351 9.15 13.67 -35.08
C LEU A 351 9.21 12.14 -34.99
N ASP A 352 9.15 11.45 -36.17
CA ASP A 352 9.20 9.99 -36.33
C ASP A 352 10.57 9.43 -35.94
N ASP A 353 11.65 10.20 -36.14
CA ASP A 353 12.99 9.75 -35.76
C ASP A 353 13.09 9.68 -34.24
N MET A 354 12.48 10.67 -33.56
CA MET A 354 12.46 10.78 -32.11
C MET A 354 11.20 10.09 -31.52
N ALA A 355 10.63 9.10 -32.26
CA ALA A 355 9.46 8.30 -31.87
C ALA A 355 9.73 7.36 -30.69
N PRO A 356 10.89 6.64 -30.55
CA PRO A 356 11.08 5.81 -29.35
C PRO A 356 11.16 6.67 -28.09
N ASP A 357 11.73 7.86 -28.24
CA ASP A 357 11.91 8.91 -27.24
C ASP A 357 10.55 9.56 -26.90
N LEU A 358 9.61 9.59 -27.88
CA LEU A 358 8.25 10.12 -27.73
C LEU A 358 7.41 9.18 -26.86
N MET A 359 7.86 7.92 -26.74
CA MET A 359 7.25 6.87 -25.92
C MET A 359 7.90 6.84 -24.52
N ASP A 360 8.58 7.94 -24.13
CA ASP A 360 9.26 8.10 -22.85
C ASP A 360 8.79 9.38 -22.15
N VAL A 361 8.63 10.49 -22.91
CA VAL A 361 8.16 11.81 -22.44
C VAL A 361 6.75 11.69 -21.85
N VAL A 362 5.98 10.83 -22.48
CA VAL A 362 4.61 10.39 -22.21
C VAL A 362 4.76 8.91 -22.47
N ASP A 363 5.17 8.13 -21.45
CA ASP A 363 5.41 6.71 -21.69
C ASP A 363 4.12 6.03 -22.18
N ALA A 364 4.28 5.05 -23.10
CA ALA A 364 3.20 4.32 -23.77
C ALA A 364 3.76 3.07 -24.42
N ASP A 365 2.91 2.05 -24.68
CA ASP A 365 3.35 0.80 -25.31
C ASP A 365 3.76 1.05 -26.77
N GLY A 366 3.04 1.92 -27.46
CA GLY A 366 3.34 2.27 -28.84
C GLY A 366 2.96 3.66 -29.27
N VAL A 367 3.55 4.12 -30.39
CA VAL A 367 3.28 5.43 -31.01
C VAL A 367 2.97 5.17 -32.50
N ALA A 368 2.01 5.93 -33.07
CA ALA A 368 1.57 5.78 -34.45
C ALA A 368 1.28 7.12 -35.12
N ILE A 369 2.32 7.71 -35.70
CA ILE A 369 2.24 8.98 -36.41
C ILE A 369 1.44 8.76 -37.69
N PHE A 370 0.53 9.71 -38.02
CA PHE A 370 -0.29 9.74 -39.25
C PHE A 370 0.18 10.87 -40.12
N HIS A 371 0.23 10.65 -41.44
CA HIS A 371 0.63 11.67 -42.40
C HIS A 371 -0.59 12.16 -43.18
N GLY A 372 -1.50 11.23 -43.47
CA GLY A 372 -2.72 11.48 -44.23
C GLY A 372 -3.49 10.22 -44.51
N ASN A 373 -2.75 9.11 -44.62
CA ASN A 373 -3.19 7.73 -44.81
C ASN A 373 -2.02 6.81 -44.49
N ASP A 374 -0.79 7.34 -44.67
CA ASP A 374 0.46 6.66 -44.36
C ASP A 374 0.63 6.70 -42.85
N ILE A 375 0.73 5.53 -42.22
CA ILE A 375 0.90 5.38 -40.76
C ILE A 375 2.28 4.77 -40.49
N SER A 376 2.90 5.11 -39.37
CA SER A 376 4.18 4.51 -38.99
C SER A 376 4.14 4.13 -37.52
N ARG A 377 3.99 2.82 -37.23
CA ARG A 377 3.95 2.26 -35.86
C ARG A 377 5.39 1.92 -35.41
N HIS A 378 5.77 2.30 -34.16
CA HIS A 378 7.15 2.12 -33.65
C HIS A 378 7.30 1.24 -32.38
N GLY A 379 6.24 1.10 -31.59
CA GLY A 379 6.27 0.28 -30.38
C GLY A 379 5.38 -0.93 -30.51
N THR A 380 4.48 -1.10 -29.52
CA THR A 380 3.48 -2.17 -29.49
C THR A 380 2.15 -1.50 -29.81
N THR A 381 1.82 -1.47 -31.12
CA THR A 381 0.64 -0.80 -31.67
C THR A 381 -0.16 -1.74 -32.57
N PRO A 382 -1.52 -1.59 -32.65
CA PRO A 382 -2.31 -2.52 -33.47
C PRO A 382 -2.26 -2.24 -34.98
N ASP A 383 -1.72 -3.21 -35.75
CA ASP A 383 -1.59 -3.24 -37.21
C ASP A 383 -1.33 -1.85 -37.79
N VAL A 384 -2.05 -1.51 -38.87
CA VAL A 384 -2.01 -0.23 -39.59
C VAL A 384 -3.43 0.09 -40.04
N ALA A 385 -4.23 -0.97 -40.27
CA ALA A 385 -5.63 -0.89 -40.67
C ALA A 385 -6.45 -0.43 -39.47
N ALA A 386 -6.12 -0.98 -38.27
CA ALA A 386 -6.74 -0.71 -36.99
C ALA A 386 -6.66 0.78 -36.62
N LEU A 387 -5.42 1.32 -36.62
CA LEU A 387 -5.10 2.71 -36.27
C LEU A 387 -5.87 3.70 -37.12
N ARG A 388 -6.02 3.39 -38.43
CA ARG A 388 -6.79 4.19 -39.39
C ARG A 388 -8.25 4.30 -38.96
N ARG A 389 -8.84 3.18 -38.48
CA ARG A 389 -10.22 3.12 -38.00
C ARG A 389 -10.41 4.08 -36.81
N ILE A 390 -9.43 4.10 -35.86
CA ILE A 390 -9.44 4.98 -34.68
C ILE A 390 -9.41 6.45 -35.12
N ARG A 391 -8.45 6.80 -36.01
CA ARG A 391 -8.21 8.13 -36.59
C ARG A 391 -9.48 8.74 -37.22
N ASP A 392 -10.29 7.93 -37.93
CA ASP A 392 -11.51 8.35 -38.63
C ASP A 392 -12.71 8.53 -37.70
N HIS A 393 -12.67 7.90 -36.51
CA HIS A 393 -13.71 8.03 -35.48
C HIS A 393 -13.63 9.42 -34.84
N ILE A 394 -12.40 9.80 -34.40
CA ILE A 394 -12.07 11.08 -33.77
C ILE A 394 -12.14 12.22 -34.83
N GLY A 408 -7.26 20.29 -24.90
CA GLY A 408 -6.89 20.59 -26.28
C GLY A 408 -6.79 19.38 -27.20
N ALA A 409 -6.33 18.24 -26.64
CA ALA A 409 -6.17 16.97 -27.35
C ALA A 409 -6.90 15.82 -26.62
N LEU A 410 -7.77 15.09 -27.35
CA LEU A 410 -8.60 13.99 -26.84
C LEU A 410 -7.77 12.79 -26.39
N HIS A 411 -8.21 12.18 -25.29
CA HIS A 411 -7.60 11.03 -24.64
C HIS A 411 -8.69 10.11 -24.10
N VAL A 412 -8.41 8.79 -23.97
CA VAL A 412 -9.35 7.78 -23.44
C VAL A 412 -8.61 6.74 -22.57
N ASP A 413 -9.33 6.10 -21.62
CA ASP A 413 -8.79 5.03 -20.77
C ASP A 413 -9.38 3.70 -21.18
N ALA A 414 -10.55 3.76 -21.83
CA ALA A 414 -11.28 2.64 -22.39
C ALA A 414 -11.73 3.04 -23.80
N ILE A 415 -11.12 2.39 -24.80
CA ILE A 415 -11.31 2.64 -26.21
C ILE A 415 -12.78 2.41 -26.69
N GLY A 416 -13.59 1.72 -25.88
CA GLY A 416 -14.98 1.40 -26.19
C GLY A 416 -16.04 2.20 -25.48
N GLU A 417 -15.68 2.85 -24.34
CA GLU A 417 -16.61 3.64 -23.54
C GLU A 417 -17.06 4.90 -24.29
N VAL A 418 -16.16 5.46 -25.10
CA VAL A 418 -16.44 6.64 -25.92
C VAL A 418 -17.15 6.23 -27.22
N PHE A 419 -16.76 5.07 -27.80
CA PHE A 419 -17.33 4.46 -29.00
C PHE A 419 -17.01 2.95 -29.04
N PRO A 420 -18.04 2.06 -28.89
CA PRO A 420 -17.77 0.61 -28.86
C PRO A 420 -17.51 -0.02 -30.24
N GLU A 421 -17.46 0.77 -31.33
CA GLU A 421 -17.15 0.27 -32.69
C GLU A 421 -15.65 -0.08 -32.76
N LEU A 422 -14.84 0.50 -31.83
CA LEU A 422 -13.41 0.23 -31.71
C LEU A 422 -13.09 -0.66 -30.51
N ALA A 423 -14.13 -1.28 -29.91
CA ALA A 423 -13.96 -2.14 -28.74
C ALA A 423 -13.22 -3.46 -29.06
N ASP A 424 -13.26 -3.93 -30.33
CA ASP A 424 -12.60 -5.18 -30.75
C ASP A 424 -11.06 -5.08 -30.70
N LEU A 425 -10.52 -3.84 -30.68
CA LEU A 425 -9.07 -3.62 -30.62
C LEU A 425 -8.66 -2.91 -29.32
N ALA A 426 -9.30 -3.32 -28.19
CA ALA A 426 -8.95 -2.87 -26.82
C ALA A 426 -7.56 -3.44 -26.44
N PRO A 427 -7.17 -4.70 -26.80
CA PRO A 427 -5.77 -5.09 -26.60
C PRO A 427 -4.89 -4.26 -27.56
N LEU A 428 -3.59 -4.07 -27.27
CA LEU A 428 -2.65 -3.26 -28.09
C LEU A 428 -2.96 -1.74 -27.92
N ALA A 429 -4.24 -1.32 -28.08
CA ALA A 429 -4.64 0.08 -27.89
C ALA A 429 -6.01 0.19 -27.19
N ALA A 430 -6.01 0.30 -25.85
CA ALA A 430 -7.21 0.47 -25.02
C ALA A 430 -7.30 1.92 -24.53
N GLY A 431 -6.13 2.56 -24.47
CA GLY A 431 -5.96 3.94 -24.06
C GLY A 431 -5.10 4.68 -25.05
N PHE A 432 -5.59 5.85 -25.50
CA PHE A 432 -4.87 6.68 -26.46
C PHE A 432 -4.80 8.16 -26.02
N ILE A 433 -4.03 8.96 -26.80
CA ILE A 433 -3.87 10.41 -26.69
C ILE A 433 -3.74 10.93 -28.15
N PHE A 434 -4.88 11.26 -28.77
CA PHE A 434 -4.89 11.76 -30.14
C PHE A 434 -4.68 13.26 -30.09
N VAL A 435 -3.56 13.71 -30.66
CA VAL A 435 -3.20 15.11 -30.68
C VAL A 435 -3.01 15.56 -32.15
N PRO A 436 -4.07 16.14 -32.74
CA PRO A 436 -3.97 16.60 -34.13
C PRO A 436 -3.09 17.85 -34.23
N LEU A 437 -2.13 17.84 -35.16
CA LEU A 437 -1.19 18.95 -35.30
C LEU A 437 -1.85 20.16 -35.93
N MET A 438 -2.54 20.00 -37.09
CA MET A 438 -3.21 21.10 -37.77
C MET A 438 -4.28 20.58 -38.77
N PRO A 439 -5.29 21.40 -39.19
CA PRO A 439 -6.25 20.90 -40.18
C PRO A 439 -5.74 21.02 -41.63
N GLN A 440 -4.56 21.66 -41.85
CA GLN A 440 -3.93 21.84 -43.18
C GLN A 440 -3.36 20.50 -43.65
N SER A 441 -2.47 19.90 -42.83
CA SER A 441 -1.85 18.60 -43.10
C SER A 441 -2.58 17.54 -42.32
N ARG A 442 -2.88 16.39 -42.94
CA ARG A 442 -3.58 15.29 -42.27
C ARG A 442 -2.68 14.59 -41.25
N SER A 443 -1.60 15.27 -40.85
CA SER A 443 -0.64 14.83 -39.85
C SER A 443 -1.26 14.86 -38.47
N ALA A 444 -0.95 13.84 -37.66
CA ALA A 444 -1.45 13.67 -36.29
C ALA A 444 -0.66 12.64 -35.54
N LEU A 445 -0.83 12.61 -34.22
CA LEU A 445 -0.15 11.67 -33.36
C LEU A 445 -1.14 10.89 -32.51
N LEU A 446 -0.83 9.62 -32.26
CA LEU A 446 -1.66 8.72 -31.47
C LEU A 446 -0.77 7.80 -30.63
N TRP A 447 -0.76 8.04 -29.32
CA TRP A 447 -0.04 7.24 -28.35
C TRP A 447 -0.95 6.12 -27.90
N THR A 448 -0.42 4.90 -27.70
CA THR A 448 -1.26 3.77 -27.28
C THR A 448 -0.68 3.01 -26.11
N ARG A 449 -1.56 2.37 -25.33
CA ARG A 449 -1.19 1.48 -24.23
C ARG A 449 -2.08 0.23 -24.34
N ARG A 450 -1.45 -0.97 -24.24
CA ARG A 450 -2.12 -2.27 -24.35
C ARG A 450 -3.14 -2.49 -23.24
N GLU A 451 -4.03 -3.50 -23.41
CA GLU A 451 -5.01 -3.92 -22.39
C GLU A 451 -4.22 -4.32 -21.16
N GLN A 452 -4.69 -3.92 -19.97
CA GLN A 452 -3.99 -4.19 -18.72
C GLN A 452 -3.72 -5.70 -18.54
N ILE A 453 -4.68 -6.57 -18.92
CA ILE A 453 -4.57 -8.04 -18.82
C ILE A 453 -3.42 -8.59 -19.71
N GLN A 454 -2.95 -7.83 -20.72
CA GLN A 454 -1.85 -8.27 -21.56
C GLN A 454 -0.52 -8.22 -20.80
N GLN A 455 -0.27 -7.09 -20.09
CA GLN A 455 0.95 -6.86 -19.32
C GLN A 455 0.89 -7.54 -17.94
N ILE A 456 0.74 -8.88 -17.93
CA ILE A 456 0.76 -9.70 -16.70
C ILE A 456 2.02 -10.56 -16.81
N LYS A 457 2.89 -10.52 -15.79
CA LYS A 457 4.16 -11.23 -15.79
C LYS A 457 3.99 -12.73 -15.52
N TRP A 458 3.25 -13.43 -16.42
CA TRP A 458 2.98 -14.88 -16.37
C TRP A 458 4.26 -15.69 -16.39
N ALA A 459 5.27 -15.23 -17.16
CA ALA A 459 6.58 -15.88 -17.31
C ALA A 459 7.25 -16.11 -15.94
N GLY A 460 7.36 -15.04 -15.13
CA GLY A 460 7.93 -15.03 -13.79
C GLY A 460 7.35 -16.03 -12.80
N ASN A 461 6.03 -16.30 -12.90
CA ASN A 461 5.32 -17.25 -12.04
C ASN A 461 4.23 -17.97 -12.85
N PRO A 462 4.56 -19.14 -13.45
CA PRO A 462 3.56 -19.87 -14.25
C PRO A 462 2.37 -20.40 -13.44
N GLN A 463 2.47 -20.44 -12.09
CA GLN A 463 1.42 -20.92 -11.17
C GLN A 463 0.13 -20.09 -11.32
N LEU A 464 0.28 -18.79 -11.56
CA LEU A 464 -0.75 -17.75 -11.70
C LEU A 464 -1.96 -18.11 -12.53
N ALA A 465 -1.77 -18.73 -13.70
CA ALA A 465 -2.89 -19.09 -14.58
C ALA A 465 -3.62 -20.33 -14.06
N LYS A 466 -2.84 -21.36 -13.64
CA LYS A 466 -3.36 -22.63 -13.14
C LYS A 466 -3.71 -22.57 -11.62
N LEU A 467 -3.70 -21.35 -11.03
CA LEU A 467 -4.06 -21.05 -9.63
C LEU A 467 -5.52 -21.47 -9.38
N GLU A 468 -5.89 -21.81 -8.13
CA GLU A 468 -7.27 -22.22 -7.89
C GLU A 468 -7.88 -21.51 -6.70
N ASP A 469 -9.22 -21.40 -6.70
CA ASP A 469 -10.03 -20.76 -5.68
C ASP A 469 -10.02 -21.57 -4.37
N ILE A 470 -10.36 -20.90 -3.27
CA ILE A 470 -10.43 -21.54 -1.97
C ILE A 470 -11.80 -22.21 -1.89
N PRO A 471 -11.80 -23.56 -1.69
CA PRO A 471 -13.04 -24.38 -1.67
C PRO A 471 -14.39 -23.65 -1.42
N ASN A 472 -14.77 -23.41 -0.16
CA ASN A 472 -16.04 -22.77 0.17
C ASN A 472 -15.74 -21.41 0.77
N SER A 473 -15.57 -20.40 -0.09
CA SER A 473 -15.19 -19.05 0.35
C SER A 473 -15.81 -17.96 -0.49
N ARG A 474 -16.10 -16.80 0.15
CA ARG A 474 -16.63 -15.63 -0.53
C ARG A 474 -15.52 -14.60 -0.73
N LEU A 475 -14.31 -14.94 -0.30
CA LEU A 475 -13.12 -14.06 -0.48
C LEU A 475 -11.88 -14.92 -0.68
N SER A 476 -11.09 -14.67 -1.72
CA SER A 476 -9.83 -15.44 -1.90
C SER A 476 -8.86 -14.70 -2.83
N PRO A 477 -7.56 -15.04 -2.84
CA PRO A 477 -6.64 -14.44 -3.77
C PRO A 477 -7.06 -14.73 -5.22
N ARG A 478 -7.39 -15.99 -5.51
CA ARG A 478 -7.79 -16.40 -6.88
C ARG A 478 -9.06 -15.64 -7.26
N LYS A 479 -9.99 -15.51 -6.35
CA LYS A 479 -11.25 -14.83 -6.55
C LYS A 479 -11.02 -13.31 -6.71
N SER A 480 -9.93 -12.78 -6.11
CA SER A 480 -9.55 -11.35 -6.13
C SER A 480 -8.97 -10.93 -7.48
N PHE A 481 -8.17 -11.82 -8.11
CA PHE A 481 -7.53 -11.64 -9.41
C PHE A 481 -8.58 -11.35 -10.47
N ASP A 482 -9.62 -12.21 -10.49
CA ASP A 482 -10.78 -12.18 -11.39
C ASP A 482 -11.60 -10.89 -11.19
N LEU A 483 -11.81 -10.47 -9.93
CA LEU A 483 -12.57 -9.25 -9.61
C LEU A 483 -11.84 -8.03 -10.20
N TRP A 484 -10.50 -8.03 -10.11
CA TRP A 484 -9.64 -6.99 -10.67
C TRP A 484 -9.77 -7.03 -12.19
N GLN A 485 -9.55 -8.22 -12.80
CA GLN A 485 -9.65 -8.48 -14.24
C GLN A 485 -10.93 -7.84 -14.79
N GLN A 486 -12.09 -8.06 -14.12
CA GLN A 486 -13.40 -7.50 -14.45
C GLN A 486 -13.36 -5.97 -14.51
N THR A 487 -12.99 -5.33 -13.39
CA THR A 487 -12.92 -3.87 -13.20
C THR A 487 -11.86 -3.18 -14.07
N VAL A 488 -11.00 -3.98 -14.75
CA VAL A 488 -9.92 -3.45 -15.58
C VAL A 488 -9.92 -4.07 -17.03
N ARG A 489 -10.97 -4.89 -17.38
CA ARG A 489 -11.12 -5.51 -18.72
C ARG A 489 -11.56 -4.43 -19.69
N GLY A 490 -10.76 -4.22 -20.73
CA GLY A 490 -10.99 -3.19 -21.75
C GLY A 490 -10.46 -1.84 -21.32
N ARG A 491 -9.75 -1.81 -20.18
CA ARG A 491 -9.18 -0.60 -19.62
C ARG A 491 -7.67 -0.64 -19.78
N ALA A 492 -7.09 0.48 -20.24
CA ALA A 492 -5.66 0.66 -20.44
C ALA A 492 -4.92 0.67 -19.10
N ARG A 493 -3.57 0.86 -19.11
CA ARG A 493 -2.84 0.89 -17.86
C ARG A 493 -2.93 2.29 -17.22
N ARG A 494 -4.18 2.78 -17.06
CA ARG A 494 -4.66 4.01 -16.41
C ARG A 494 -4.05 5.27 -16.99
N TRP A 495 -2.74 5.48 -16.78
CA TRP A 495 -1.95 6.62 -17.26
C TRP A 495 -2.60 7.96 -16.84
N SER A 496 -2.69 8.93 -17.79
CA SER A 496 -3.29 10.28 -17.70
C SER A 496 -2.71 11.21 -16.55
N PRO A 497 -1.41 11.20 -16.15
CA PRO A 497 -1.00 12.09 -15.05
C PRO A 497 -0.47 13.43 -15.57
N LEU A 498 0.84 13.69 -15.35
CA LEU A 498 1.58 14.87 -15.81
C LEU A 498 1.87 14.72 -17.31
N HIS A 499 1.79 13.46 -17.81
CA HIS A 499 2.02 13.08 -19.20
C HIS A 499 1.00 13.76 -20.12
N LEU A 500 -0.28 13.88 -19.67
CA LEU A 500 -1.40 14.47 -20.42
C LEU A 500 -1.10 15.89 -20.95
N GLU A 501 -0.81 16.88 -20.06
CA GLU A 501 -0.54 18.25 -20.51
C GLU A 501 0.86 18.38 -21.15
N SER A 502 1.81 17.47 -20.80
CA SER A 502 3.14 17.45 -21.40
C SER A 502 3.03 17.01 -22.85
N ALA A 503 2.07 16.12 -23.14
CA ALA A 503 1.75 15.66 -24.48
C ALA A 503 1.02 16.76 -25.25
N ARG A 504 0.02 17.38 -24.60
CA ARG A 504 -0.82 18.47 -25.14
C ARG A 504 -0.02 19.74 -25.44
N SER A 505 1.12 19.96 -24.72
CA SER A 505 2.02 21.10 -24.88
C SER A 505 2.59 21.17 -26.30
N LEU A 506 2.80 19.98 -26.91
CA LEU A 506 3.32 19.80 -28.27
C LEU A 506 2.33 20.32 -29.31
N ARG A 507 1.01 20.29 -29.00
CA ARG A 507 -0.02 20.83 -29.91
C ARG A 507 0.05 22.36 -29.88
N VAL A 508 0.31 22.92 -28.68
CA VAL A 508 0.48 24.35 -28.44
C VAL A 508 1.81 24.79 -29.08
N LEU A 509 2.81 23.87 -29.08
CA LEU A 509 4.15 24.06 -29.65
C LEU A 509 4.13 24.02 -31.18
N ILE A 510 3.03 23.52 -31.80
CA ILE A 510 2.90 23.46 -33.26
C ILE A 510 2.89 24.90 -33.86
N GLU A 511 2.47 25.94 -33.08
CA GLU A 511 2.50 27.34 -33.53
C GLU A 511 3.97 27.78 -33.65
N LEU A 512 4.57 27.48 -34.83
CA LEU A 512 5.97 27.72 -35.16
C LEU A 512 6.13 28.12 -36.63
CHA BLA B . -6.10 -5.50 4.14
NA BLA B . -6.49 -7.04 2.13
C1A BLA B . -5.68 -6.29 2.88
C2A BLA B . -4.41 -6.37 2.36
C3A BLA B . -4.46 -7.19 1.27
C4A BLA B . -5.77 -7.60 1.13
CMA BLA B . -3.30 -7.58 0.38
CAA BLA B . -3.16 -5.71 2.96
CBA BLA B . -2.73 -6.53 4.18
CGA BLA B . -1.98 -7.82 3.83
O1A BLA B . -1.14 -7.81 2.91
O2A BLA B . -2.16 -8.90 4.47
CHB BLA B . -6.42 -8.52 0.09
NB BLA B . -6.15 -9.52 -2.19
C1B BLA B . -5.82 -9.40 -0.71
C2B BLA B . -4.85 -10.50 -0.41
C3B BLA B . -4.52 -11.21 -1.61
C4B BLA B . -5.28 -10.65 -2.75
CMB BLA B . -4.25 -10.86 0.95
OB BLA B . -5.26 -11.04 -3.85
CAB BLA B . -3.60 -12.43 -1.74
CBB BLA B . -3.39 -13.03 -2.88
NC BLA B . -10.79 -7.17 2.36
C1C BLA B . -11.60 -7.73 1.18
C2C BLA B . -12.74 -6.77 0.95
C3C BLA B . -12.66 -5.68 1.85
C4C BLA B . -11.49 -5.86 2.77
CMC BLA B . -13.79 -6.94 -0.14
OC BLA B . -11.37 -8.73 0.57
CAC BLA B . -13.59 -4.47 1.90
CBC BLA B . -14.89 -4.56 2.14
CHD BLA B . -11.16 -5.06 3.74
ND BLA B . -8.56 -5.52 3.58
C1D BLA B . -9.74 -4.95 4.27
C2D BLA B . -9.33 -4.22 5.49
C3D BLA B . -7.88 -4.38 5.61
C4D BLA B . -7.35 -5.18 4.40
CMD BLA B . -10.26 -3.49 6.47
CAD BLA B . -7.02 -3.84 6.74
CBD BLA B . -6.81 -5.02 7.66
CGD BLA B . -6.60 -4.54 9.09
O1D BLA B . -7.60 -4.12 9.73
O2D BLA B . -5.43 -4.60 9.58
#